data_8W6Z
#
_entry.id   8W6Z
#
_cell.length_a   36.082
_cell.length_b   100.162
_cell.length_c   105.811
_cell.angle_alpha   90.00
_cell.angle_beta   90.00
_cell.angle_gamma   90.00
#
_symmetry.space_group_name_H-M   'P 21 21 21'
#
loop_
_entity.id
_entity.type
_entity.pdbx_description
1 polymer 'Cytochrome P450'
2 polymer THR-D4P-GLU-GLY-BB8-PRO-KJW-GLY-A1D5P-DPN
3 non-polymer 'PROTOPORPHYRIN IX CONTAINING FE'
4 non-polymer '(E)-3-[2-[(2R,3S)-3-[(1R)-1-aminocarbonyloxypropyl]oxiran-2-yl]phenyl]prop-2-enoic acid'
5 water water
#
loop_
_entity_poly.entity_id
_entity_poly.type
_entity_poly.pdbx_seq_one_letter_code
_entity_poly.pdbx_strand_id
1 'polypeptide(L)'
;MGSSHHHHHHSSGLVPRGSHMAEETSRTPEVLGEDFIRDPYPVYARLRERAPVAHVVLGGAPMWLVLRHEAARAALTDPG
LHKDPERCARLAARHAGVDPVEQPAEKSPGQRMLVEHMLGMDPPHHTRLRKLVAKAFTARQIQALRPRIEHTVGALLDGI
AGQGEVDLLKAFAFPLPLTVISEMIGVPQADQAAFGAWSNALTVAVQPQEMHGIADRMAEYLTGLIAAKRAAPDDDLISG
LIQARDHEDRLSENELVSMVFQLLVAGYETTAHLIGNGMLALLRHPDQLAALRADRSLLRGAVEEISRYDNSLHLNTLSV
TSEPVRIGGVRIPADAFVIVSLGAANHDPERFEDPERFDIRREAGGHLAFGHGIHHCMGAPLARLQTEIAVGALLDRFPR
IELAVAPAELRREMNLTRGLESLPVRLG
;
A
2 'polypeptide(L)' T(D4P)EG(BB8)P(KJW)G(A1D5P)(DPN) B
#
# COMPACT_ATOMS: atom_id res chain seq x y z
N THR A 28 -1.34 30.57 7.23
CA THR A 28 -1.76 29.78 8.41
C THR A 28 -1.82 28.28 8.02
N PRO A 29 -1.42 27.42 8.93
CA PRO A 29 -1.36 25.98 8.63
C PRO A 29 -2.70 25.28 8.84
N GLU A 30 -3.35 24.88 7.75
CA GLU A 30 -4.64 24.20 7.80
C GLU A 30 -4.54 22.88 8.58
N VAL A 31 -5.43 22.71 9.56
CA VAL A 31 -5.46 21.49 10.36
C VAL A 31 -6.22 20.43 9.58
N LEU A 32 -5.59 19.25 9.44
CA LEU A 32 -6.18 18.12 8.71
C LEU A 32 -6.56 17.05 9.71
N GLY A 33 -7.86 16.84 9.91
CA GLY A 33 -8.34 15.90 10.91
C GLY A 33 -9.08 14.67 10.39
N GLU A 34 -10.03 14.18 11.19
CA GLU A 34 -10.75 12.96 10.87
C GLU A 34 -11.55 13.11 9.59
N ASP A 35 -12.10 14.30 9.33
CA ASP A 35 -12.83 14.50 8.08
C ASP A 35 -11.91 14.32 6.89
N PHE A 36 -10.68 14.84 6.96
CA PHE A 36 -9.71 14.62 5.89
C PHE A 36 -9.45 13.14 5.69
N ILE A 37 -9.21 12.41 6.79
CA ILE A 37 -8.90 10.98 6.70
C ILE A 37 -9.99 10.23 5.96
N ARG A 38 -11.27 10.50 6.32
CA ARG A 38 -12.41 9.79 5.71
C ARG A 38 -12.66 10.25 4.29
N ASP A 39 -12.46 11.54 4.01
CA ASP A 39 -12.90 12.15 2.74
C ASP A 39 -11.83 13.16 2.27
N PRO A 40 -10.69 12.66 1.80
CA PRO A 40 -9.58 13.57 1.47
C PRO A 40 -9.68 14.32 0.14
N TYR A 41 -10.31 13.75 -0.89
CA TYR A 41 -10.26 14.37 -2.22
C TYR A 41 -10.92 15.75 -2.32
N PRO A 42 -11.96 16.11 -1.57
CA PRO A 42 -12.43 17.51 -1.59
C PRO A 42 -11.45 18.47 -0.94
N VAL A 43 -10.70 18.03 0.07
CA VAL A 43 -9.63 18.87 0.60
C VAL A 43 -8.55 19.08 -0.45
N TYR A 44 -8.10 18.00 -1.08
CA TYR A 44 -7.15 18.08 -2.19
C TYR A 44 -7.62 19.05 -3.28
N ALA A 45 -8.91 19.02 -3.61
CA ALA A 45 -9.38 19.84 -4.72
C ALA A 45 -9.27 21.32 -4.38
N ARG A 46 -9.41 21.67 -3.10
CA ARG A 46 -9.34 23.07 -2.68
C ARG A 46 -7.90 23.52 -2.46
N LEU A 47 -7.04 22.65 -1.88
CA LEU A 47 -5.65 23.05 -1.69
C LEU A 47 -4.86 23.03 -3.00
N ARG A 48 -5.12 22.05 -3.87
CA ARG A 48 -4.32 21.91 -5.08
C ARG A 48 -4.53 23.06 -6.04
N GLU A 49 -5.73 23.64 -6.04
CA GLU A 49 -5.98 24.85 -6.85
C GLU A 49 -5.20 26.04 -6.31
N ARG A 50 -5.01 26.11 -4.99
CA ARG A 50 -4.33 27.26 -4.38
C ARG A 50 -2.83 27.24 -4.65
N ALA A 51 -2.16 26.10 -4.45
CA ALA A 51 -0.74 26.00 -4.74
C ALA A 51 -0.37 24.54 -4.93
N PRO A 52 0.73 24.24 -5.61
CA PRO A 52 1.10 22.84 -5.86
C PRO A 52 1.55 22.11 -4.60
N VAL A 53 1.89 22.84 -3.54
CA VAL A 53 2.25 22.27 -2.24
C VAL A 53 1.52 23.07 -1.19
N ALA A 54 1.04 22.41 -0.13
CA ALA A 54 0.35 23.06 0.97
C ALA A 54 1.09 22.81 2.28
N HIS A 55 1.17 23.83 3.13
CA HIS A 55 1.65 23.67 4.49
C HIS A 55 0.45 23.35 5.35
N VAL A 56 0.49 22.21 6.05
CA VAL A 56 -0.69 21.71 6.76
C VAL A 56 -0.23 21.16 8.09
N VAL A 57 -1.21 20.76 8.91
CA VAL A 57 -0.93 20.09 10.17
C VAL A 57 -1.71 18.78 10.15
N LEU A 58 -1.00 17.68 10.26
CA LEU A 58 -1.58 16.34 10.19
C LEU A 58 -1.17 15.60 11.46
N GLY A 59 -2.15 15.23 12.27
CA GLY A 59 -1.84 14.62 13.56
C GLY A 59 -0.98 15.52 14.45
N GLY A 60 -1.33 16.80 14.52
CA GLY A 60 -0.60 17.77 15.30
C GLY A 60 0.80 18.08 14.82
N ALA A 61 1.24 17.44 13.73
CA ALA A 61 2.57 17.65 13.21
C ALA A 61 2.52 18.54 11.98
N PRO A 62 3.22 19.69 11.98
CA PRO A 62 3.24 20.52 10.77
C PRO A 62 4.03 19.79 9.68
N MET A 63 3.52 19.86 8.45
CA MET A 63 4.20 19.21 7.34
C MET A 63 3.74 19.82 6.02
N TRP A 64 4.43 19.40 4.96
CA TRP A 64 4.23 19.94 3.62
C TRP A 64 3.64 18.84 2.74
N LEU A 65 2.53 19.16 2.09
CA LEU A 65 1.74 18.21 1.35
C LEU A 65 1.84 18.55 -0.13
N VAL A 66 2.51 17.69 -0.91
CA VAL A 66 2.65 17.91 -2.34
C VAL A 66 1.39 17.41 -3.03
N LEU A 67 0.75 18.27 -3.82
CA LEU A 67 -0.59 18.05 -4.34
C LEU A 67 -0.65 17.89 -5.86
N ARG A 68 0.03 18.75 -6.62
CA ARG A 68 -0.10 18.69 -8.07
C ARG A 68 0.77 17.57 -8.64
N HIS A 69 0.36 17.04 -9.79
CA HIS A 69 1.01 15.88 -10.39
C HIS A 69 2.47 16.18 -10.73
N GLU A 70 2.74 17.30 -11.42
CA GLU A 70 4.11 17.66 -11.75
C GLU A 70 4.95 17.80 -10.49
N ALA A 71 4.44 18.57 -9.51
CA ALA A 71 5.17 18.73 -8.25
C ALA A 71 5.42 17.39 -7.58
N ALA A 72 4.44 16.47 -7.64
CA ALA A 72 4.58 15.17 -6.99
C ALA A 72 5.67 14.35 -7.66
N ARG A 73 5.71 14.35 -9.01
CA ARG A 73 6.79 13.67 -9.72
C ARG A 73 8.13 14.26 -9.33
N ALA A 74 8.21 15.58 -9.19
CA ALA A 74 9.49 16.21 -8.84
C ALA A 74 9.88 15.89 -7.41
N ALA A 75 8.93 15.93 -6.48
CA ALA A 75 9.24 15.57 -5.09
C ALA A 75 9.72 14.13 -5.01
N LEU A 76 9.04 13.22 -5.72
CA LEU A 76 9.37 11.79 -5.69
C LEU A 76 10.71 11.48 -6.34
N THR A 77 11.29 12.41 -7.11
CA THR A 77 12.62 12.23 -7.69
C THR A 77 13.66 13.17 -7.08
N ASP A 78 13.31 13.87 -6.00
CA ASP A 78 14.16 14.88 -5.40
C ASP A 78 15.01 14.29 -4.27
N PRO A 79 16.34 14.22 -4.40
CA PRO A 79 17.13 13.62 -3.33
C PRO A 79 17.13 14.46 -2.06
N GLY A 80 16.52 15.65 -2.07
CA GLY A 80 16.37 16.40 -0.84
C GLY A 80 15.34 15.84 0.12
N LEU A 81 14.42 15.01 -0.38
CA LEU A 81 13.48 14.31 0.51
C LEU A 81 14.11 12.99 0.92
N HIS A 82 14.35 12.83 2.22
CA HIS A 82 15.07 11.67 2.74
C HIS A 82 14.12 10.75 3.49
N LYS A 83 14.33 9.44 3.33
CA LYS A 83 13.70 8.42 4.18
C LYS A 83 14.65 8.20 5.33
N ASP A 84 14.37 8.82 6.47
CA ASP A 84 15.24 8.71 7.63
C ASP A 84 14.32 8.60 8.84
N PRO A 85 13.93 7.38 9.21
CA PRO A 85 13.05 7.21 10.37
C PRO A 85 13.66 7.73 11.65
N GLU A 86 14.99 7.71 11.78
CA GLU A 86 15.63 8.19 13.01
C GLU A 86 15.50 9.70 13.13
N ARG A 87 15.75 10.43 12.04
CA ARG A 87 15.54 11.88 12.08
C ARG A 87 14.07 12.21 12.30
N CYS A 88 13.15 11.46 11.65
CA CYS A 88 11.72 11.68 11.86
C CYS A 88 11.37 11.53 13.34
N ALA A 89 11.86 10.47 13.98
CA ALA A 89 11.66 10.29 15.42
C ALA A 89 12.16 11.51 16.20
N ARG A 90 13.36 12.00 15.88
CA ARG A 90 13.93 13.11 16.62
C ARG A 90 13.10 14.38 16.43
N LEU A 91 12.72 14.66 15.17
CA LEU A 91 11.86 15.82 14.90
C LEU A 91 10.51 15.67 15.59
N ALA A 92 9.95 14.47 15.59
CA ALA A 92 8.63 14.27 16.18
C ALA A 92 8.66 14.49 17.69
N ALA A 93 9.74 14.05 18.36
CA ALA A 93 9.87 14.29 19.79
C ALA A 93 9.81 15.78 20.09
N ARG A 94 10.36 16.62 19.20
CA ARG A 94 10.37 18.06 19.44
C ARG A 94 8.96 18.64 19.39
N HIS A 95 8.14 18.22 18.41
CA HIS A 95 6.76 18.72 18.34
C HIS A 95 5.89 18.25 19.49
N ALA A 96 6.25 17.14 20.15
CA ALA A 96 5.55 16.69 21.35
C ALA A 96 6.20 17.22 22.62
N GLY A 97 7.31 17.95 22.48
CA GLY A 97 8.00 18.51 23.63
C GLY A 97 8.41 17.45 24.63
N VAL A 98 9.07 16.41 24.15
CA VAL A 98 9.62 15.36 25.01
C VAL A 98 11.08 15.13 24.61
N ASP A 99 11.99 15.33 25.56
CA ASP A 99 13.39 14.96 25.43
C ASP A 99 14.13 15.26 26.72
N ALA A 105 19.87 3.90 23.15
CA ALA A 105 19.25 2.79 23.86
C ALA A 105 18.92 1.65 22.88
N GLU A 106 18.67 0.46 23.43
CA GLU A 106 18.53 -0.74 22.60
C GLU A 106 17.18 -0.76 21.88
N LYS A 107 17.24 -0.96 20.57
CA LYS A 107 16.04 -1.14 19.76
C LYS A 107 15.66 -2.62 19.74
N SER A 108 14.39 -2.91 20.02
CA SER A 108 13.90 -4.28 19.92
C SER A 108 13.88 -4.74 18.46
N PRO A 109 13.89 -6.06 18.22
CA PRO A 109 13.81 -6.55 16.83
C PRO A 109 12.54 -6.13 16.12
N GLY A 110 11.43 -5.98 16.85
CA GLY A 110 10.24 -5.40 16.25
C GLY A 110 10.47 -3.97 15.82
N GLN A 111 11.02 -3.15 16.70
CA GLN A 111 11.33 -1.75 16.35
C GLN A 111 12.17 -1.69 15.10
N ARG A 112 13.21 -2.52 15.02
CA ARG A 112 14.08 -2.53 13.85
C ARG A 112 13.35 -3.05 12.62
N MET A 113 12.56 -4.11 12.77
CA MET A 113 11.86 -4.67 11.62
C MET A 113 10.95 -3.63 10.97
N LEU A 114 10.37 -2.73 11.78
CA LEU A 114 9.45 -1.73 11.24
C LEU A 114 10.12 -0.71 10.31
N VAL A 115 11.43 -0.45 10.45
CA VAL A 115 12.06 0.69 9.80
C VAL A 115 13.29 0.34 8.96
N GLU A 116 13.82 -0.89 9.04
CA GLU A 116 15.06 -1.26 8.35
C GLU A 116 14.84 -1.89 6.98
N HIS A 117 13.80 -1.45 6.28
CA HIS A 117 13.44 -1.94 4.95
C HIS A 117 13.77 -0.87 3.90
N MET A 118 13.36 -1.15 2.65
CA MET A 118 13.71 -0.31 1.50
C MET A 118 13.22 1.12 1.63
N LEU A 119 11.98 1.29 2.09
CA LEU A 119 11.34 2.58 2.24
C LEU A 119 11.85 3.34 3.46
N GLY A 120 12.77 2.77 4.23
CA GLY A 120 13.35 3.45 5.36
C GLY A 120 14.75 3.99 5.12
N MET A 121 15.24 3.99 3.89
CA MET A 121 16.62 4.42 3.64
C MET A 121 16.73 5.11 2.29
N ASP A 122 17.87 5.79 2.11
CA ASP A 122 18.27 6.50 0.90
C ASP A 122 19.44 5.80 0.23
N PRO A 123 19.70 6.10 -1.04
CA PRO A 123 20.95 5.64 -1.70
C PRO A 123 22.15 6.16 -0.94
N PRO A 124 23.28 5.42 -0.91
CA PRO A 124 23.50 4.16 -1.61
C PRO A 124 22.88 2.93 -0.94
N HIS A 125 22.55 3.05 0.35
CA HIS A 125 22.04 1.89 1.09
C HIS A 125 20.76 1.34 0.47
N HIS A 126 19.86 2.22 0.02
CA HIS A 126 18.64 1.77 -0.63
C HIS A 126 18.95 1.00 -1.92
N THR A 127 19.87 1.52 -2.73
CA THR A 127 20.26 0.84 -3.96
C THR A 127 20.69 -0.59 -3.69
N ARG A 128 21.53 -0.79 -2.66
CA ARG A 128 22.04 -2.12 -2.37
C ARG A 128 20.92 -3.07 -1.98
N LEU A 129 20.05 -2.63 -1.08
CA LEU A 129 18.97 -3.49 -0.57
C LEU A 129 18.10 -3.98 -1.71
N ARG A 130 17.69 -3.05 -2.58
CA ARG A 130 16.78 -3.38 -3.66
C ARG A 130 17.46 -4.18 -4.76
N LYS A 131 18.79 -4.02 -4.93
CA LYS A 131 19.53 -4.88 -5.83
C LYS A 131 19.47 -6.33 -5.36
N LEU A 132 19.65 -6.54 -4.05
CA LEU A 132 19.66 -7.91 -3.52
C LEU A 132 18.26 -8.51 -3.51
N VAL A 133 17.26 -7.72 -3.10
CA VAL A 133 15.89 -8.24 -3.07
C VAL A 133 15.41 -8.64 -4.46
N ALA A 134 15.81 -7.88 -5.49
CA ALA A 134 15.38 -8.22 -6.85
C ALA A 134 15.99 -9.54 -7.31
N LYS A 135 17.18 -9.88 -6.82
CA LYS A 135 17.79 -11.15 -7.19
C LYS A 135 17.01 -12.34 -6.64
N ALA A 136 16.19 -12.13 -5.60
CA ALA A 136 15.65 -13.27 -4.86
C ALA A 136 14.55 -13.96 -5.64
N PHE A 137 13.88 -13.22 -6.50
CA PHE A 137 12.81 -13.74 -7.33
C PHE A 137 13.42 -14.69 -8.36
N THR A 138 13.00 -15.97 -8.32
CA THR A 138 13.42 -16.84 -9.41
C THR A 138 12.33 -16.85 -10.47
N ALA A 139 12.67 -17.34 -11.65
CA ALA A 139 11.68 -17.39 -12.72
C ALA A 139 10.52 -18.31 -12.33
N ARG A 140 10.81 -19.42 -11.65
CA ARG A 140 9.74 -20.31 -11.20
C ARG A 140 8.79 -19.59 -10.25
N GLN A 141 9.33 -18.79 -9.33
CA GLN A 141 8.48 -18.04 -8.41
C GLN A 141 7.53 -17.12 -9.18
N ILE A 142 8.07 -16.41 -10.18
CA ILE A 142 7.26 -15.46 -10.93
C ILE A 142 6.17 -16.16 -11.74
N GLN A 143 6.52 -17.27 -12.41
CA GLN A 143 5.55 -17.97 -13.24
C GLN A 143 4.42 -18.57 -12.42
N ALA A 144 4.73 -19.09 -11.22
CA ALA A 144 3.67 -19.63 -10.38
C ALA A 144 2.68 -18.58 -9.92
N LEU A 145 3.00 -17.29 -10.06
CA LEU A 145 2.14 -16.25 -9.50
C LEU A 145 0.73 -16.32 -10.07
N ARG A 146 0.60 -16.27 -11.41
CA ARG A 146 -0.72 -16.22 -12.04
C ARG A 146 -1.53 -17.48 -11.75
N PRO A 147 -1.02 -18.70 -12.01
CA PRO A 147 -1.77 -19.92 -11.65
C PRO A 147 -2.20 -19.94 -10.20
N ARG A 148 -1.29 -19.55 -9.29
CA ARG A 148 -1.61 -19.55 -7.87
C ARG A 148 -2.74 -18.56 -7.57
N ILE A 149 -2.69 -17.37 -8.18
CA ILE A 149 -3.73 -16.37 -7.91
C ILE A 149 -5.09 -16.86 -8.38
N GLU A 150 -5.15 -17.48 -9.56
CA GLU A 150 -6.43 -17.96 -10.06
C GLU A 150 -6.95 -19.13 -9.26
N HIS A 151 -6.05 -19.93 -8.67
CA HIS A 151 -6.49 -21.02 -7.82
C HIS A 151 -7.05 -20.48 -6.50
N THR A 152 -6.38 -19.49 -5.91
CA THR A 152 -6.88 -18.92 -4.66
C THR A 152 -8.20 -18.19 -4.89
N VAL A 153 -8.26 -17.37 -5.94
CA VAL A 153 -9.52 -16.70 -6.29
C VAL A 153 -10.62 -17.74 -6.46
N GLY A 154 -10.37 -18.77 -7.25
CA GLY A 154 -11.31 -19.87 -7.41
C GLY A 154 -11.80 -20.40 -6.08
N ALA A 155 -10.87 -20.85 -5.22
CA ALA A 155 -11.26 -21.42 -3.94
C ALA A 155 -12.11 -20.46 -3.12
N LEU A 156 -11.74 -19.18 -3.13
CA LEU A 156 -12.45 -18.18 -2.33
C LEU A 156 -13.88 -18.00 -2.84
N LEU A 157 -14.05 -17.99 -4.17
CA LEU A 157 -15.38 -17.79 -4.73
C LEU A 157 -16.24 -19.03 -4.54
N ASP A 158 -15.63 -20.23 -4.57
CA ASP A 158 -16.39 -21.44 -4.25
C ASP A 158 -16.91 -21.39 -2.82
N GLY A 159 -16.16 -20.78 -1.92
CA GLY A 159 -16.58 -20.72 -0.51
C GLY A 159 -17.67 -19.71 -0.21
N ILE A 160 -17.88 -18.72 -1.09
CA ILE A 160 -18.96 -17.74 -0.89
C ILE A 160 -20.13 -17.98 -1.83
N ALA A 161 -19.96 -18.77 -2.90
CA ALA A 161 -21.08 -19.01 -3.79
C ALA A 161 -22.17 -19.71 -3.00
N GLY A 162 -23.42 -19.30 -3.18
CA GLY A 162 -24.53 -19.82 -2.41
C GLY A 162 -24.99 -18.90 -1.29
N GLN A 163 -24.08 -18.12 -0.71
CA GLN A 163 -24.51 -17.09 0.21
C GLN A 163 -25.20 -15.95 -0.54
N GLY A 164 -26.30 -15.46 0.02
CA GLY A 164 -26.99 -14.35 -0.62
C GLY A 164 -26.19 -13.07 -0.53
N GLU A 165 -25.72 -12.76 0.67
CA GLU A 165 -24.96 -11.56 0.98
C GLU A 165 -23.66 -11.95 1.66
N VAL A 166 -22.58 -11.25 1.29
CA VAL A 166 -21.29 -11.42 1.96
C VAL A 166 -20.66 -10.05 2.09
N ASP A 167 -19.78 -9.92 3.08
CA ASP A 167 -18.89 -8.76 3.11
C ASP A 167 -17.69 -9.10 2.24
N LEU A 168 -17.60 -8.46 1.06
CA LEU A 168 -16.56 -8.82 0.08
C LEU A 168 -15.15 -8.57 0.61
N LEU A 169 -14.99 -7.71 1.61
CA LEU A 169 -13.66 -7.45 2.17
C LEU A 169 -13.20 -8.64 2.96
N LYS A 170 -14.02 -9.10 3.91
CA LYS A 170 -13.60 -10.19 4.78
C LYS A 170 -13.65 -11.51 4.04
N ALA A 171 -14.51 -11.64 3.06
CA ALA A 171 -14.65 -12.93 2.40
C ALA A 171 -13.75 -13.08 1.18
N PHE A 172 -13.11 -12.01 0.72
CA PHE A 172 -12.45 -12.12 -0.58
C PHE A 172 -11.27 -11.17 -0.71
N ALA A 173 -11.52 -9.87 -0.53
CA ALA A 173 -10.52 -8.85 -0.85
C ALA A 173 -9.30 -8.95 0.07
N PHE A 174 -9.52 -9.28 1.33
CA PHE A 174 -8.39 -9.44 2.25
C PHE A 174 -7.74 -10.84 2.18
N PRO A 175 -8.52 -11.92 2.18
CA PRO A 175 -7.90 -13.26 2.12
C PRO A 175 -7.07 -13.51 0.89
N LEU A 176 -7.47 -12.99 -0.28
CA LEU A 176 -6.75 -13.28 -1.52
C LEU A 176 -5.31 -12.80 -1.45
N PRO A 177 -5.03 -11.52 -1.25
CA PRO A 177 -3.61 -11.10 -1.17
C PRO A 177 -2.88 -11.71 0.02
N LEU A 178 -3.56 -11.96 1.14
CA LEU A 178 -2.90 -12.63 2.26
C LEU A 178 -2.34 -13.97 1.83
N THR A 179 -3.14 -14.74 1.10
CA THR A 179 -2.74 -16.07 0.64
C THR A 179 -1.63 -15.97 -0.39
N VAL A 180 -1.86 -15.14 -1.42
CA VAL A 180 -0.90 -15.06 -2.52
C VAL A 180 0.46 -14.64 -2.00
N ILE A 181 0.52 -13.58 -1.18
CA ILE A 181 1.82 -13.09 -0.73
C ILE A 181 2.45 -14.09 0.21
N SER A 182 1.64 -14.69 1.09
CA SER A 182 2.14 -15.66 2.05
C SER A 182 2.76 -16.86 1.35
N GLU A 183 2.11 -17.34 0.27
CA GLU A 183 2.65 -18.49 -0.46
C GLU A 183 3.91 -18.14 -1.21
N MET A 184 3.96 -16.95 -1.82
CA MET A 184 5.19 -16.51 -2.48
C MET A 184 6.35 -16.38 -1.49
N ILE A 185 6.05 -15.85 -0.30
CA ILE A 185 7.08 -15.62 0.71
C ILE A 185 7.53 -16.93 1.34
N GLY A 186 6.60 -17.84 1.61
CA GLY A 186 6.89 -19.10 2.25
C GLY A 186 6.33 -19.25 3.66
N VAL A 187 5.34 -18.44 4.03
CA VAL A 187 4.64 -18.56 5.32
C VAL A 187 3.72 -19.77 5.23
N PRO A 188 3.83 -20.75 6.13
CA PRO A 188 3.00 -21.96 6.04
C PRO A 188 1.52 -21.61 6.14
N GLN A 189 0.68 -22.46 5.52
CA GLN A 189 -0.75 -22.20 5.49
C GLN A 189 -1.32 -22.07 6.89
N ALA A 190 -0.85 -22.90 7.83
CA ALA A 190 -1.44 -22.87 9.17
C ALA A 190 -1.12 -21.58 9.92
N ASP A 191 -0.16 -20.79 9.45
CA ASP A 191 0.22 -19.55 10.10
C ASP A 191 -0.33 -18.30 9.42
N GLN A 192 -1.05 -18.43 8.31
CA GLN A 192 -1.37 -17.23 7.52
C GLN A 192 -2.42 -16.36 8.21
N ALA A 193 -3.52 -16.95 8.71
CA ALA A 193 -4.52 -16.17 9.43
C ALA A 193 -3.88 -15.36 10.56
N ALA A 194 -2.98 -15.98 11.32
CA ALA A 194 -2.40 -15.30 12.47
C ALA A 194 -1.53 -14.12 12.05
N PHE A 195 -0.75 -14.28 10.97
CA PHE A 195 0.05 -13.15 10.51
C PHE A 195 -0.84 -12.02 10.02
N GLY A 196 -1.93 -12.36 9.33
CA GLY A 196 -2.87 -11.34 8.92
C GLY A 196 -3.43 -10.58 10.11
N ALA A 197 -3.89 -11.31 11.13
CA ALA A 197 -4.45 -10.67 12.31
C ALA A 197 -3.42 -9.80 13.02
N TRP A 198 -2.16 -10.25 13.10
CA TRP A 198 -1.13 -9.40 13.70
C TRP A 198 -0.94 -8.12 12.89
N SER A 199 -1.06 -8.21 11.56
CA SER A 199 -0.91 -7.04 10.70
C SER A 199 -2.03 -6.05 10.93
N ASN A 200 -3.26 -6.54 11.06
CA ASN A 200 -4.37 -5.67 11.39
C ASN A 200 -4.13 -5.00 12.73
N ALA A 201 -3.62 -5.75 13.71
CA ALA A 201 -3.40 -5.19 15.03
C ALA A 201 -2.25 -4.19 15.03
N LEU A 202 -1.21 -4.45 14.24
CA LEU A 202 -0.17 -3.44 14.05
C LEU A 202 -0.77 -2.19 13.45
N THR A 203 -1.74 -2.35 12.55
CA THR A 203 -2.31 -1.23 11.83
C THR A 203 -3.16 -0.34 12.72
N VAL A 204 -3.74 -0.90 13.79
CA VAL A 204 -4.62 -0.15 14.66
C VAL A 204 -3.98 0.21 15.99
N ALA A 205 -2.73 -0.22 16.23
CA ALA A 205 -2.07 0.18 17.47
C ALA A 205 -2.00 1.71 17.58
N VAL A 206 -2.13 2.22 18.81
CA VAL A 206 -2.12 3.66 19.06
C VAL A 206 -0.92 4.12 19.89
N GLN A 207 -0.21 3.20 20.55
CA GLN A 207 0.83 3.57 21.50
C GLN A 207 2.10 2.81 21.15
N PRO A 208 3.26 3.48 21.17
CA PRO A 208 4.49 2.81 20.67
C PRO A 208 4.82 1.49 21.34
N GLN A 209 4.74 1.39 22.68
CA GLN A 209 5.05 0.12 23.33
C GLN A 209 4.11 -0.98 22.88
N GLU A 210 2.89 -0.61 22.50
CA GLU A 210 1.92 -1.58 22.00
C GLU A 210 2.31 -2.02 20.60
N MET A 211 2.49 -1.06 19.69
CA MET A 211 3.01 -1.34 18.35
C MET A 211 4.29 -2.16 18.41
N HIS A 212 5.25 -1.74 19.24
CA HIS A 212 6.50 -2.48 19.34
C HIS A 212 6.27 -3.91 19.82
N GLY A 213 5.30 -4.10 20.71
CA GLY A 213 5.01 -5.44 21.19
C GLY A 213 4.51 -6.35 20.08
N ILE A 214 3.48 -5.91 19.37
CA ILE A 214 3.01 -6.61 18.16
C ILE A 214 4.17 -6.91 17.22
N ALA A 215 4.96 -5.87 16.89
CA ALA A 215 6.07 -6.04 15.95
C ALA A 215 7.09 -7.05 16.46
N ASP A 216 7.33 -7.05 17.79
CA ASP A 216 8.29 -7.99 18.37
C ASP A 216 7.85 -9.43 18.15
N ARG A 217 6.55 -9.69 18.29
CA ARG A 217 6.04 -11.01 18.01
C ARG A 217 6.25 -11.35 16.54
N MET A 218 5.88 -10.43 15.64
CA MET A 218 6.06 -10.66 14.21
C MET A 218 7.52 -10.97 13.89
N ALA A 219 8.44 -10.14 14.41
CA ALA A 219 9.87 -10.35 14.15
C ALA A 219 10.34 -11.69 14.70
N GLU A 220 9.86 -12.08 15.88
CA GLU A 220 10.24 -13.38 16.43
C GLU A 220 9.78 -14.50 15.50
N TYR A 221 8.52 -14.42 15.03
CA TYR A 221 8.00 -15.40 14.09
C TYR A 221 8.83 -15.46 12.81
N LEU A 222 9.12 -14.28 12.23
CA LEU A 222 9.89 -14.24 10.99
C LEU A 222 11.32 -14.73 11.21
N THR A 223 11.86 -14.53 12.42
CA THR A 223 13.18 -15.10 12.73
C THR A 223 13.17 -16.62 12.67
N GLY A 224 12.12 -17.26 13.19
CA GLY A 224 12.02 -18.71 13.09
C GLY A 224 11.88 -19.18 11.65
N LEU A 225 10.99 -18.54 10.89
CA LEU A 225 10.81 -18.86 9.48
C LEU A 225 12.13 -18.74 8.72
N ILE A 226 12.86 -17.66 8.95
CA ILE A 226 14.13 -17.49 8.26
C ILE A 226 15.09 -18.60 8.66
N ALA A 227 15.15 -18.93 9.96
CA ALA A 227 16.05 -20.00 10.40
C ALA A 227 15.74 -21.30 9.70
N ALA A 228 14.46 -21.60 9.48
CA ALA A 228 14.10 -22.87 8.86
C ALA A 228 14.46 -22.90 7.39
N LYS A 229 14.44 -21.74 6.71
CA LYS A 229 14.81 -21.72 5.30
C LYS A 229 16.31 -21.73 5.08
N ARG A 230 17.10 -21.22 6.04
CA ARG A 230 18.56 -21.41 6.02
C ARG A 230 18.90 -22.88 6.13
N ALA A 231 18.16 -23.60 6.98
CA ALA A 231 18.44 -25.02 7.22
C ALA A 231 17.96 -25.87 6.05
N ALA A 232 16.75 -25.60 5.54
CA ALA A 232 16.18 -26.32 4.40
C ALA A 232 15.62 -25.33 3.39
N PRO A 233 16.42 -24.93 2.41
CA PRO A 233 15.93 -24.03 1.37
C PRO A 233 14.85 -24.69 0.53
N ASP A 234 13.77 -23.95 0.30
CA ASP A 234 12.61 -24.35 -0.48
C ASP A 234 12.55 -23.48 -1.74
N ASP A 235 11.41 -23.52 -2.42
CA ASP A 235 11.21 -22.71 -3.63
C ASP A 235 10.35 -21.48 -3.31
N ASP A 236 10.69 -20.76 -2.25
CA ASP A 236 9.98 -19.56 -1.84
C ASP A 236 10.92 -18.37 -1.77
N LEU A 237 10.33 -17.18 -1.64
CA LEU A 237 11.12 -15.95 -1.74
C LEU A 237 12.03 -15.76 -0.51
N ILE A 238 11.62 -16.23 0.68
CA ILE A 238 12.53 -16.18 1.83
C ILE A 238 13.84 -16.88 1.48
N SER A 239 13.75 -18.09 0.92
CA SER A 239 14.97 -18.81 0.55
C SER A 239 15.75 -18.06 -0.50
N GLY A 240 15.05 -17.41 -1.44
CA GLY A 240 15.73 -16.61 -2.43
C GLY A 240 16.45 -15.43 -1.82
N LEU A 241 15.83 -14.79 -0.82
CA LEU A 241 16.45 -13.63 -0.18
C LEU A 241 17.67 -14.04 0.63
N ILE A 242 17.61 -15.20 1.30
CA ILE A 242 18.78 -15.70 2.03
C ILE A 242 19.94 -15.94 1.08
N GLN A 243 19.68 -16.52 -0.10
CA GLN A 243 20.74 -16.92 -1.01
C GLN A 243 21.24 -15.79 -1.88
N ALA A 244 20.46 -14.74 -2.09
CA ALA A 244 20.91 -13.66 -2.96
C ALA A 244 22.29 -13.17 -2.53
N ARG A 245 23.14 -12.88 -3.51
CA ARG A 245 24.45 -12.33 -3.20
C ARG A 245 24.86 -11.30 -4.23
N ASP A 246 25.70 -10.36 -3.82
CA ASP A 246 26.40 -9.46 -4.72
C ASP A 246 27.88 -9.61 -4.34
N HIS A 247 28.58 -10.54 -4.99
CA HIS A 247 29.87 -11.06 -4.51
C HIS A 247 29.64 -11.65 -3.12
N GLU A 248 30.30 -11.18 -2.07
CA GLU A 248 30.04 -11.68 -0.72
C GLU A 248 28.93 -10.91 -0.02
N ASP A 249 28.49 -9.79 -0.60
CA ASP A 249 27.41 -9.01 0.01
C ASP A 249 26.12 -9.81 -0.01
N ARG A 250 25.36 -9.68 1.06
CA ARG A 250 24.12 -10.43 1.24
C ARG A 250 23.24 -9.63 2.19
N LEU A 251 21.97 -10.03 2.27
CA LEU A 251 21.09 -9.43 3.27
C LEU A 251 21.44 -10.02 4.64
N SER A 252 21.71 -9.14 5.60
CA SER A 252 21.93 -9.56 6.99
C SER A 252 20.64 -10.12 7.58
N GLU A 253 20.76 -10.74 8.77
CA GLU A 253 19.58 -11.25 9.48
C GLU A 253 18.56 -10.14 9.72
N ASN A 254 19.03 -8.95 10.13
CA ASN A 254 18.18 -7.77 10.35
C ASN A 254 17.45 -7.36 9.09
N GLU A 255 18.17 -7.28 7.97
CA GLU A 255 17.59 -6.87 6.71
C GLU A 255 16.57 -7.89 6.22
N LEU A 256 16.84 -9.17 6.48
CA LEU A 256 15.91 -10.24 6.11
C LEU A 256 14.58 -10.07 6.83
N VAL A 257 14.61 -9.89 8.16
CA VAL A 257 13.38 -9.74 8.93
C VAL A 257 12.60 -8.53 8.45
N SER A 258 13.28 -7.40 8.31
CA SER A 258 12.62 -6.16 7.93
C SER A 258 12.03 -6.25 6.52
N MET A 259 12.75 -6.91 5.57
CA MET A 259 12.26 -6.99 4.19
C MET A 259 11.16 -8.03 4.03
N VAL A 260 11.26 -9.18 4.72
CA VAL A 260 10.16 -10.15 4.68
C VAL A 260 8.91 -9.54 5.28
N PHE A 261 9.06 -8.78 6.37
CA PHE A 261 7.93 -8.06 6.95
C PHE A 261 7.33 -7.10 5.92
N GLN A 262 8.16 -6.20 5.36
CA GLN A 262 7.65 -5.21 4.41
C GLN A 262 6.98 -5.89 3.22
N LEU A 263 7.56 -6.98 2.71
CA LEU A 263 6.98 -7.65 1.55
C LEU A 263 5.64 -8.29 1.90
N LEU A 264 5.51 -8.77 3.13
CA LEU A 264 4.23 -9.35 3.56
C LEU A 264 3.15 -8.29 3.73
N VAL A 265 3.47 -7.15 4.35
CA VAL A 265 2.44 -6.17 4.68
C VAL A 265 2.23 -5.14 3.56
N ALA A 266 3.26 -4.86 2.74
CA ALA A 266 3.12 -3.80 1.76
C ALA A 266 2.04 -4.07 0.73
N GLY A 267 1.68 -5.32 0.49
CA GLY A 267 0.69 -5.61 -0.50
C GLY A 267 -0.54 -6.28 0.07
N TYR A 268 -0.58 -6.50 1.40
CA TYR A 268 -1.73 -7.16 2.01
C TYR A 268 -2.93 -6.23 1.99
N GLU A 269 -2.97 -5.27 2.95
CA GLU A 269 -4.09 -4.31 3.02
C GLU A 269 -4.13 -3.36 1.84
N THR A 270 -3.00 -3.14 1.15
CA THR A 270 -3.02 -2.26 -0.02
C THR A 270 -3.74 -2.91 -1.19
N THR A 271 -3.44 -4.20 -1.44
CA THR A 271 -4.14 -4.90 -2.52
C THR A 271 -5.61 -5.12 -2.18
N ALA A 272 -5.91 -5.47 -0.92
CA ALA A 272 -7.28 -5.73 -0.51
C ALA A 272 -8.14 -4.49 -0.70
N HIS A 273 -7.64 -3.33 -0.28
CA HIS A 273 -8.44 -2.12 -0.41
C HIS A 273 -8.44 -1.58 -1.83
N LEU A 274 -7.43 -1.94 -2.67
CA LEU A 274 -7.54 -1.63 -4.08
C LEU A 274 -8.73 -2.39 -4.67
N ILE A 275 -8.77 -3.71 -4.43
CA ILE A 275 -9.92 -4.53 -4.82
C ILE A 275 -11.20 -3.99 -4.23
N GLY A 276 -11.18 -3.61 -2.95
CA GLY A 276 -12.37 -3.07 -2.29
C GLY A 276 -12.83 -1.76 -2.91
N ASN A 277 -11.92 -0.80 -3.05
CA ASN A 277 -12.31 0.49 -3.62
C ASN A 277 -12.77 0.33 -5.07
N GLY A 278 -12.06 -0.50 -5.85
CA GLY A 278 -12.43 -0.70 -7.24
C GLY A 278 -13.79 -1.36 -7.39
N MET A 279 -14.05 -2.42 -6.61
CA MET A 279 -15.36 -3.04 -6.63
C MET A 279 -16.43 -2.04 -6.21
N LEU A 280 -16.11 -1.16 -5.25
CA LEU A 280 -17.07 -0.12 -4.87
C LEU A 280 -17.34 0.83 -6.03
N ALA A 281 -16.27 1.30 -6.68
CA ALA A 281 -16.45 2.15 -7.86
C ALA A 281 -17.29 1.44 -8.92
N LEU A 282 -16.99 0.16 -9.19
CA LEU A 282 -17.71 -0.54 -10.23
C LEU A 282 -19.20 -0.67 -9.88
N LEU A 283 -19.50 -0.96 -8.62
CA LEU A 283 -20.88 -1.13 -8.18
C LEU A 283 -21.65 0.18 -8.23
N ARG A 284 -20.98 1.31 -7.94
CA ARG A 284 -21.62 2.62 -8.01
C ARG A 284 -21.75 3.15 -9.43
N HIS A 285 -21.18 2.44 -10.42
CA HIS A 285 -21.27 2.77 -11.85
C HIS A 285 -21.68 1.51 -12.58
N PRO A 286 -22.93 1.07 -12.41
CA PRO A 286 -23.34 -0.25 -12.93
C PRO A 286 -23.23 -0.37 -14.45
N ASP A 287 -23.32 0.73 -15.21
CA ASP A 287 -23.13 0.60 -16.66
C ASP A 287 -21.71 0.16 -17.00
N GLN A 288 -20.72 0.72 -16.31
CA GLN A 288 -19.34 0.32 -16.59
C GLN A 288 -19.08 -1.09 -16.07
N LEU A 289 -19.70 -1.46 -14.95
CA LEU A 289 -19.62 -2.85 -14.49
C LEU A 289 -20.10 -3.80 -15.58
N ALA A 290 -21.32 -3.55 -16.10
CA ALA A 290 -21.85 -4.40 -17.17
C ALA A 290 -20.94 -4.37 -18.38
N ALA A 291 -20.50 -3.17 -18.80
CA ALA A 291 -19.58 -3.08 -19.93
C ALA A 291 -18.35 -3.96 -19.70
N LEU A 292 -17.75 -3.87 -18.50
CA LEU A 292 -16.56 -4.67 -18.19
C LEU A 292 -16.85 -6.16 -18.26
N ARG A 293 -17.99 -6.60 -17.70
CA ARG A 293 -18.35 -8.02 -17.74
C ARG A 293 -18.45 -8.52 -19.17
N ALA A 294 -18.99 -7.68 -20.07
CA ALA A 294 -19.19 -8.08 -21.46
C ALA A 294 -17.91 -8.00 -22.28
N ASP A 295 -16.93 -7.20 -21.86
CA ASP A 295 -15.74 -6.97 -22.67
C ASP A 295 -14.49 -6.96 -21.78
N ARG A 296 -13.83 -8.10 -21.65
CA ARG A 296 -12.63 -8.19 -20.82
C ARG A 296 -11.44 -7.43 -21.39
N SER A 297 -11.51 -6.95 -22.63
CA SER A 297 -10.44 -6.09 -23.14
C SER A 297 -10.37 -4.77 -22.41
N LEU A 298 -11.41 -4.44 -21.62
CA LEU A 298 -11.41 -3.22 -20.80
C LEU A 298 -10.84 -3.45 -19.41
N LEU A 299 -10.48 -4.70 -19.07
CA LEU A 299 -10.06 -5.03 -17.70
C LEU A 299 -8.81 -4.28 -17.31
N ARG A 300 -7.77 -4.33 -18.14
CA ARG A 300 -6.53 -3.65 -17.85
C ARG A 300 -6.76 -2.17 -17.60
N GLY A 301 -7.51 -1.51 -18.49
CA GLY A 301 -7.86 -0.10 -18.30
C GLY A 301 -8.70 0.15 -17.06
N ALA A 302 -9.54 -0.82 -16.69
CA ALA A 302 -10.36 -0.67 -15.48
C ALA A 302 -9.50 -0.72 -14.22
N VAL A 303 -8.49 -1.61 -14.17
CA VAL A 303 -7.60 -1.65 -13.01
C VAL A 303 -6.80 -0.35 -12.90
N GLU A 304 -6.27 0.16 -14.03
CA GLU A 304 -5.53 1.43 -14.04
C GLU A 304 -6.37 2.57 -13.49
N GLU A 305 -7.64 2.63 -13.91
CA GLU A 305 -8.53 3.72 -13.46
C GLU A 305 -8.88 3.59 -11.99
N ILE A 306 -9.05 2.35 -11.51
CA ILE A 306 -9.23 2.12 -10.08
C ILE A 306 -8.05 2.67 -9.29
N SER A 307 -6.82 2.45 -9.77
CA SER A 307 -5.67 2.98 -9.04
C SER A 307 -5.66 4.49 -9.11
N ARG A 308 -6.01 5.06 -10.27
CA ARG A 308 -6.05 6.52 -10.38
C ARG A 308 -7.19 7.09 -9.54
N TYR A 309 -8.40 6.51 -9.63
CA TYR A 309 -9.59 7.10 -9.03
C TYR A 309 -9.59 7.02 -7.50
N ASP A 310 -9.30 5.85 -6.94
CA ASP A 310 -9.45 5.65 -5.49
C ASP A 310 -8.42 4.62 -5.02
N ASN A 311 -7.14 4.96 -5.19
CA ASN A 311 -6.04 4.11 -4.77
C ASN A 311 -6.07 3.86 -3.26
N SER A 312 -5.64 2.67 -2.84
CA SER A 312 -5.59 2.37 -1.41
C SER A 312 -4.62 3.30 -0.70
N LEU A 313 -3.64 3.84 -1.42
CA LEU A 313 -2.70 4.80 -0.84
C LEU A 313 -2.86 6.14 -1.55
N HIS A 314 -3.50 7.10 -0.89
CA HIS A 314 -3.51 8.48 -1.39
C HIS A 314 -2.34 9.31 -0.87
N LEU A 315 -1.57 8.78 0.06
CA LEU A 315 -0.38 9.42 0.57
C LEU A 315 0.76 8.43 0.48
N ASN A 316 1.97 8.92 0.18
CA ASN A 316 3.16 8.09 0.25
C ASN A 316 3.70 8.08 1.68
N THR A 317 4.85 7.44 1.91
CA THR A 317 5.47 7.42 3.23
C THR A 317 6.15 8.75 3.53
N LEU A 318 6.25 9.06 4.82
CA LEU A 318 6.82 10.32 5.26
C LEU A 318 8.28 10.46 4.82
N SER A 319 8.65 11.67 4.41
CA SER A 319 10.02 12.01 4.09
C SER A 319 10.42 13.21 4.94
N VAL A 320 11.73 13.42 5.10
CA VAL A 320 12.21 14.56 5.87
C VAL A 320 13.33 15.25 5.12
N THR A 321 13.34 16.60 5.16
CA THR A 321 14.40 17.37 4.51
C THR A 321 15.56 17.57 5.49
N SER A 322 16.78 17.64 4.95
CA SER A 322 17.97 18.03 5.69
C SER A 322 18.44 19.42 5.36
N GLU A 323 17.99 19.95 4.23
CA GLU A 323 18.34 21.26 3.69
C GLU A 323 17.11 21.77 2.97
N PRO A 324 17.04 23.08 2.69
CA PRO A 324 15.89 23.60 1.95
C PRO A 324 15.77 22.94 0.58
N VAL A 325 14.53 22.74 0.12
CA VAL A 325 14.27 22.14 -1.18
C VAL A 325 13.18 22.95 -1.87
N ARG A 326 13.19 22.86 -3.20
CA ARG A 326 12.28 23.62 -4.05
C ARG A 326 11.38 22.63 -4.78
N ILE A 327 10.09 22.68 -4.48
CA ILE A 327 9.12 21.75 -5.04
C ILE A 327 7.89 22.54 -5.48
N GLY A 328 7.62 22.52 -6.78
CA GLY A 328 6.51 23.27 -7.34
C GLY A 328 6.59 24.76 -7.12
N GLY A 329 7.81 25.33 -7.04
CA GLY A 329 8.02 26.73 -6.74
C GLY A 329 7.87 27.11 -5.29
N VAL A 330 7.56 26.15 -4.42
CA VAL A 330 7.36 26.41 -3.00
C VAL A 330 8.67 26.03 -2.29
N ARG A 331 9.21 26.96 -1.51
CA ARG A 331 10.39 26.66 -0.71
C ARG A 331 9.96 25.94 0.55
N ILE A 332 10.57 24.79 0.79
CA ILE A 332 10.36 24.01 2.01
C ILE A 332 11.65 24.08 2.81
N PRO A 333 11.60 24.39 4.10
CA PRO A 333 12.83 24.56 4.86
C PRO A 333 13.42 23.20 5.22
N ALA A 334 14.63 23.24 5.77
CA ALA A 334 15.26 22.07 6.34
C ALA A 334 14.51 21.65 7.60
N ASP A 335 14.71 20.38 7.99
CA ASP A 335 14.07 19.79 9.17
C ASP A 335 12.55 19.83 9.06
N ALA A 336 12.03 19.61 7.85
CA ALA A 336 10.59 19.58 7.64
C ALA A 336 10.12 18.17 7.26
N PHE A 337 8.92 17.82 7.71
CA PHE A 337 8.23 16.64 7.20
C PHE A 337 7.60 16.96 5.85
N VAL A 338 7.72 16.04 4.89
CA VAL A 338 7.16 16.24 3.56
C VAL A 338 6.42 14.96 3.14
N ILE A 339 5.17 15.12 2.71
CA ILE A 339 4.34 14.01 2.27
C ILE A 339 3.83 14.32 0.88
N VAL A 340 3.83 13.31 0.02
CA VAL A 340 3.39 13.48 -1.35
C VAL A 340 2.03 12.80 -1.49
N SER A 341 1.03 13.60 -1.86
CA SER A 341 -0.32 13.05 -2.04
C SER A 341 -0.42 12.50 -3.46
N LEU A 342 -0.22 11.17 -3.56
CA LEU A 342 -0.52 10.44 -4.78
C LEU A 342 -1.96 10.62 -5.20
N GLY A 343 -2.88 10.70 -4.24
CA GLY A 343 -4.28 10.80 -4.60
C GLY A 343 -4.60 12.15 -5.22
N ALA A 344 -4.10 13.23 -4.61
CA ALA A 344 -4.31 14.56 -5.16
C ALA A 344 -3.74 14.67 -6.55
N ALA A 345 -2.53 14.12 -6.75
CA ALA A 345 -1.91 14.10 -8.08
C ALA A 345 -2.75 13.30 -9.05
N ASN A 346 -3.27 12.15 -8.61
CA ASN A 346 -4.10 11.33 -9.50
C ASN A 346 -5.42 12.03 -9.84
N HIS A 347 -5.84 13.01 -9.03
CA HIS A 347 -7.07 13.77 -9.28
C HIS A 347 -6.78 15.18 -9.79
N ASP A 348 -5.56 15.43 -10.26
CA ASP A 348 -5.10 16.71 -10.78
C ASP A 348 -5.66 17.00 -12.17
N PRO A 349 -6.51 18.03 -12.33
CA PRO A 349 -7.05 18.33 -13.67
C PRO A 349 -6.00 18.79 -14.67
N GLU A 350 -4.80 19.19 -14.24
CA GLU A 350 -3.76 19.50 -15.23
C GLU A 350 -3.24 18.24 -15.92
N ARG A 351 -3.41 17.08 -15.30
CA ARG A 351 -2.90 15.83 -15.84
C ARG A 351 -3.99 14.90 -16.35
N PHE A 352 -5.15 14.86 -15.69
CA PHE A 352 -6.26 13.99 -16.09
C PHE A 352 -7.52 14.84 -16.21
N GLU A 353 -8.18 14.75 -17.36
CA GLU A 353 -9.42 15.48 -17.61
C GLU A 353 -10.59 14.85 -16.84
N ASP A 354 -11.47 15.70 -16.30
CA ASP A 354 -12.61 15.26 -15.50
C ASP A 354 -12.14 14.28 -14.43
N PRO A 355 -11.14 14.66 -13.63
CA PRO A 355 -10.47 13.69 -12.76
C PRO A 355 -11.35 13.12 -11.64
N GLU A 356 -12.46 13.79 -11.29
CA GLU A 356 -13.32 13.25 -10.23
C GLU A 356 -14.27 12.18 -10.73
N ARG A 357 -14.32 11.96 -12.06
CA ARG A 357 -15.18 10.95 -12.64
C ARG A 357 -14.41 9.63 -12.76
N PHE A 358 -15.06 8.55 -12.39
CA PHE A 358 -14.56 7.21 -12.60
C PHE A 358 -14.96 6.76 -14.00
N ASP A 359 -13.97 6.44 -14.83
CA ASP A 359 -14.22 6.10 -16.21
C ASP A 359 -13.17 5.09 -16.67
N ILE A 360 -13.55 3.81 -16.76
CA ILE A 360 -12.60 2.76 -17.11
C ILE A 360 -12.07 2.90 -18.53
N ARG A 361 -12.75 3.64 -19.40
CA ARG A 361 -12.31 3.83 -20.79
C ARG A 361 -11.33 4.98 -20.94
N ARG A 362 -11.01 5.64 -19.84
CA ARG A 362 -10.10 6.77 -19.86
C ARG A 362 -8.68 6.31 -20.22
N GLU A 363 -7.81 7.29 -20.48
CA GLU A 363 -6.35 7.12 -20.49
C GLU A 363 -5.87 7.42 -19.07
N ALA A 364 -5.83 6.39 -18.23
CA ALA A 364 -5.38 6.57 -16.86
C ALA A 364 -3.88 6.33 -16.69
N GLY A 365 -3.15 5.99 -17.77
CA GLY A 365 -1.71 5.90 -17.75
C GLY A 365 -1.05 7.11 -17.11
N GLY A 366 0.09 6.92 -16.43
CA GLY A 366 0.77 8.03 -15.77
C GLY A 366 0.28 8.39 -14.38
N HIS A 367 -0.67 7.65 -13.81
CA HIS A 367 -1.04 7.88 -12.41
C HIS A 367 0.12 7.55 -11.47
N LEU A 368 0.03 7.99 -10.21
CA LEU A 368 1.11 7.76 -9.25
C LEU A 368 0.70 6.83 -8.13
N ALA A 369 -0.27 5.93 -8.39
CA ALA A 369 -0.74 5.02 -7.34
C ALA A 369 0.37 4.13 -6.82
N PHE A 370 1.41 3.88 -7.62
CA PHE A 370 2.49 3.00 -7.22
C PHE A 370 3.76 3.80 -6.97
N GLY A 371 3.63 5.10 -6.82
CA GLY A 371 4.80 5.94 -6.64
C GLY A 371 5.48 6.34 -7.93
N HIS A 372 6.73 6.75 -7.78
CA HIS A 372 7.52 7.29 -8.87
C HIS A 372 8.95 7.47 -8.37
N GLY A 373 9.92 7.09 -9.21
CA GLY A 373 11.33 7.28 -8.88
C GLY A 373 11.93 6.06 -8.22
N ILE A 374 12.94 6.24 -7.37
CA ILE A 374 13.71 5.13 -6.80
C ILE A 374 12.88 4.25 -5.90
N HIS A 375 11.83 4.80 -5.26
CA HIS A 375 10.98 4.00 -4.37
C HIS A 375 9.72 3.49 -5.07
N HIS A 376 9.63 3.63 -6.40
CA HIS A 376 8.51 3.06 -7.14
C HIS A 376 8.21 1.64 -6.67
N CYS A 377 6.93 1.32 -6.55
CA CYS A 377 6.51 0.10 -5.89
C CYS A 377 7.04 -1.13 -6.60
N MET A 378 7.82 -1.93 -5.86
CA MET A 378 8.35 -3.18 -6.40
C MET A 378 7.25 -4.16 -6.73
N GLY A 379 6.13 -4.13 -6.00
CA GLY A 379 5.07 -5.09 -6.19
C GLY A 379 4.03 -4.72 -7.24
N ALA A 380 4.21 -3.60 -7.96
CA ALA A 380 3.14 -3.09 -8.82
C ALA A 380 2.65 -4.12 -9.82
N PRO A 381 3.52 -4.88 -10.51
CA PRO A 381 3.00 -5.94 -11.41
C PRO A 381 2.18 -6.98 -10.68
N LEU A 382 2.59 -7.39 -9.47
CA LEU A 382 1.80 -8.36 -8.72
C LEU A 382 0.47 -7.76 -8.25
N ALA A 383 0.46 -6.49 -7.85
CA ALA A 383 -0.79 -5.88 -7.39
C ALA A 383 -1.78 -5.78 -8.54
N ARG A 384 -1.31 -5.32 -9.71
CA ARG A 384 -2.14 -5.29 -10.92
C ARG A 384 -2.64 -6.69 -11.27
N LEU A 385 -1.77 -7.70 -11.18
CA LEU A 385 -2.16 -9.04 -11.58
C LEU A 385 -3.30 -9.57 -10.71
N GLN A 386 -3.15 -9.45 -9.38
CA GLN A 386 -4.19 -9.94 -8.48
C GLN A 386 -5.51 -9.19 -8.67
N THR A 387 -5.44 -7.86 -8.87
CA THR A 387 -6.66 -7.08 -9.00
C THR A 387 -7.40 -7.44 -10.28
N GLU A 388 -6.67 -7.53 -11.40
CA GLU A 388 -7.28 -7.88 -12.68
C GLU A 388 -7.95 -9.25 -12.62
N ILE A 389 -7.27 -10.25 -12.06
CA ILE A 389 -7.84 -11.59 -11.97
C ILE A 389 -9.06 -11.60 -11.04
N ALA A 390 -8.93 -10.95 -9.87
CA ALA A 390 -10.00 -10.99 -8.87
C ALA A 390 -11.27 -10.36 -9.42
N VAL A 391 -11.16 -9.16 -10.00
CA VAL A 391 -12.36 -8.48 -10.51
C VAL A 391 -12.95 -9.28 -11.67
N GLY A 392 -12.10 -9.70 -12.61
CA GLY A 392 -12.58 -10.52 -13.72
C GLY A 392 -13.34 -11.72 -13.24
N ALA A 393 -12.75 -12.47 -12.28
CA ALA A 393 -13.38 -13.69 -11.78
C ALA A 393 -14.66 -13.39 -11.02
N LEU A 394 -14.71 -12.27 -10.29
CA LEU A 394 -15.94 -11.92 -9.59
C LEU A 394 -17.09 -11.71 -10.58
N LEU A 395 -16.86 -10.93 -11.65
CA LEU A 395 -17.93 -10.62 -12.60
C LEU A 395 -18.32 -11.85 -13.42
N ASP A 396 -17.41 -12.81 -13.59
CA ASP A 396 -17.74 -14.04 -14.30
C ASP A 396 -18.62 -14.94 -13.44
N ARG A 397 -18.26 -15.10 -12.16
CA ARG A 397 -19.01 -15.98 -11.27
C ARG A 397 -20.33 -15.39 -10.83
N PHE A 398 -20.41 -14.05 -10.66
CA PHE A 398 -21.58 -13.40 -10.05
C PHE A 398 -22.08 -12.31 -10.97
N PRO A 399 -22.78 -12.69 -12.05
CA PRO A 399 -23.31 -11.69 -13.00
C PRO A 399 -24.28 -10.68 -12.40
N ARG A 400 -24.92 -10.99 -11.26
CA ARG A 400 -25.93 -10.09 -10.70
C ARG A 400 -25.46 -9.46 -9.39
N ILE A 401 -24.15 -9.37 -9.19
CA ILE A 401 -23.59 -8.75 -8.00
C ILE A 401 -24.02 -7.29 -7.93
N GLU A 402 -24.40 -6.85 -6.72
CA GLU A 402 -24.79 -5.47 -6.47
C GLU A 402 -24.52 -5.17 -5.01
N LEU A 403 -24.44 -3.87 -4.67
CA LEU A 403 -24.33 -3.46 -3.28
C LEU A 403 -25.56 -3.93 -2.49
N ALA A 404 -25.31 -4.51 -1.30
CA ALA A 404 -26.37 -5.00 -0.43
C ALA A 404 -26.89 -3.94 0.53
N VAL A 405 -26.28 -2.77 0.56
CA VAL A 405 -26.66 -1.70 1.47
C VAL A 405 -26.78 -0.41 0.68
N ALA A 406 -27.46 0.58 1.26
CA ALA A 406 -27.47 1.89 0.65
C ALA A 406 -26.11 2.57 0.87
N PRO A 407 -25.66 3.38 -0.10
CA PRO A 407 -24.34 4.02 0.04
C PRO A 407 -24.17 4.77 1.33
N ALA A 408 -25.21 5.41 1.86
CA ALA A 408 -25.13 6.14 3.14
C ALA A 408 -24.83 5.24 4.33
N GLU A 409 -24.86 3.92 4.15
CA GLU A 409 -24.51 3.00 5.22
C GLU A 409 -23.03 2.62 5.20
N LEU A 410 -22.32 2.88 4.09
CA LEU A 410 -20.91 2.56 4.01
C LEU A 410 -20.10 3.48 4.92
N ARG A 411 -18.96 2.97 5.40
CA ARG A 411 -18.04 3.75 6.24
C ARG A 411 -16.60 3.55 5.79
N ARG A 412 -15.81 4.63 5.83
CA ARG A 412 -14.38 4.57 5.59
C ARG A 412 -13.64 4.36 6.90
N GLU A 413 -12.58 3.55 6.84
CA GLU A 413 -11.75 3.34 8.01
C GLU A 413 -11.04 4.64 8.37
N MET A 414 -10.86 4.87 9.67
CA MET A 414 -10.05 5.98 10.19
C MET A 414 -8.59 5.54 10.11
N ASN A 415 -8.02 5.64 8.91
CA ASN A 415 -6.71 5.08 8.62
C ASN A 415 -6.12 5.86 7.47
N LEU A 416 -4.79 5.92 7.38
CA LEU A 416 -4.14 6.62 6.28
C LEU A 416 -4.32 5.87 4.96
N THR A 417 -4.46 4.54 5.02
CA THR A 417 -4.81 3.76 3.84
C THR A 417 -6.29 3.95 3.57
N ARG A 418 -6.64 4.33 2.35
CA ARG A 418 -8.02 4.60 1.99
C ARG A 418 -8.75 3.27 1.80
N GLY A 419 -9.70 2.97 2.69
CA GLY A 419 -10.43 1.72 2.60
C GLY A 419 -11.73 1.76 3.37
N LEU A 420 -12.68 0.92 2.95
CA LEU A 420 -13.98 0.81 3.58
C LEU A 420 -13.92 -0.14 4.78
N GLU A 421 -14.83 0.08 5.74
CA GLU A 421 -14.96 -0.85 6.87
C GLU A 421 -15.50 -2.20 6.40
N SER A 422 -16.45 -2.18 5.46
CA SER A 422 -17.00 -3.40 4.88
C SER A 422 -17.54 -3.06 3.50
N LEU A 423 -17.70 -4.10 2.69
CA LEU A 423 -18.31 -3.96 1.36
C LEU A 423 -19.38 -5.04 1.25
N PRO A 424 -20.57 -4.77 1.81
CA PRO A 424 -21.66 -5.75 1.73
C PRO A 424 -22.20 -5.82 0.31
N VAL A 425 -22.20 -7.02 -0.26
CA VAL A 425 -22.67 -7.24 -1.63
C VAL A 425 -23.68 -8.38 -1.63
N ARG A 426 -24.74 -8.22 -2.43
CA ARG A 426 -25.65 -9.30 -2.79
C ARG A 426 -25.08 -10.00 -4.03
N LEU A 427 -24.78 -11.30 -3.93
CA LEU A 427 -24.18 -12.01 -5.05
C LEU A 427 -25.22 -12.39 -6.10
N GLY A 428 -26.44 -12.73 -5.68
CA GLY A 428 -27.52 -13.04 -6.60
C GLY A 428 -27.25 -14.20 -7.54
N THR B 1 3.51 3.43 10.57
CA THR B 1 4.17 2.31 11.22
C THR B 1 5.49 1.93 10.55
N GLU B 3 7.53 3.98 8.97
CA GLU B 3 8.58 4.90 9.37
C GLU B 3 8.69 5.02 10.89
N GLY B 4 8.07 4.09 11.62
CA GLY B 4 8.34 3.93 13.04
C GLY B 4 7.38 4.63 13.99
N PRO B 6 3.22 4.68 15.53
CA PRO B 6 1.84 4.20 15.57
C PRO B 6 0.95 5.08 14.69
N GLY B 8 -1.23 3.24 12.09
CA GLY B 8 -1.18 2.52 10.83
C GLY B 8 -0.23 3.06 9.78
#